data_6IIT
#
_entry.id   6IIT
#
_cell.length_a   33.592
_cell.length_b   33.592
_cell.length_c   200.101
_cell.angle_alpha   90.00
_cell.angle_beta   90.00
_cell.angle_gamma   120.00
#
_symmetry.space_group_name_H-M   'P 31'
#
loop_
_entity.id
_entity.type
_entity.pdbx_description
1 polymer 'Hepatoma-derived growth factor-related protein 3'
2 polymer '16-bp TA-rich DNA'
3 polymer 'H3K36me2-containing histone peptide'
4 water water
#
loop_
_entity_poly.entity_id
_entity_poly.type
_entity_poly.pdbx_seq_one_letter_code
_entity_poly.pdbx_strand_id
1 'polypeptide(L)'
;SMARPRPREYKAGDLVFAKMKGYPHWPARIDELPEGAVKPPANKYPIFFFGTHETAFLGPKDLFPYKEYKDKFGKSNKRK
GFNEGLWEIENNPGVKFTGY
;
A,B
2 'polydeoxyribonucleotide' (DT)(DA)(DT)(DA)(DT)(DA)(DT)(DA)(DT)(DA)(DT)(DA)(DT)(DA)(DT)(DA) C,D
3 'polypeptide(L)' GGV(MLY)KPHR E,F
#
# COMPACT_ATOMS: atom_id res chain seq x y z
N MET A 2 -12.02 -21.59 7.44
CA MET A 2 -11.09 -22.54 8.05
C MET A 2 -9.76 -22.52 7.30
N ALA A 3 -8.66 -22.47 8.05
CA ALA A 3 -7.33 -22.30 7.47
C ALA A 3 -6.27 -23.03 8.32
N ARG A 4 -5.60 -24.00 7.74
CA ARG A 4 -4.61 -24.76 8.50
C ARG A 4 -3.47 -23.84 8.89
N PRO A 5 -3.09 -23.82 10.18
CA PRO A 5 -1.98 -22.92 10.52
C PRO A 5 -0.65 -23.44 9.96
N ARG A 6 0.31 -22.54 9.78
CA ARG A 6 1.69 -22.93 9.47
C ARG A 6 2.31 -23.45 10.76
N PRO A 7 3.40 -24.23 10.66
CA PRO A 7 3.91 -24.80 11.91
C PRO A 7 4.46 -23.75 12.88
N ARG A 8 4.40 -24.06 14.17
CA ARG A 8 5.02 -23.18 15.15
C ARG A 8 6.37 -23.75 15.62
N GLU A 9 6.67 -24.98 15.20
CA GLU A 9 7.98 -25.57 15.49
C GLU A 9 8.62 -26.12 14.21
N TYR A 10 9.94 -26.07 14.14
CA TYR A 10 10.63 -26.67 13.01
C TYR A 10 11.77 -27.55 13.51
N LYS A 11 12.26 -28.42 12.64
CA LYS A 11 13.38 -29.29 12.97
C LYS A 11 14.53 -29.08 11.97
N ALA A 12 15.76 -29.29 12.43
CA ALA A 12 16.93 -29.25 11.56
C ALA A 12 16.67 -30.07 10.30
N GLY A 13 16.92 -29.47 9.15
CA GLY A 13 16.73 -30.13 7.87
C GLY A 13 15.46 -29.77 7.12
N ASP A 14 14.49 -29.17 7.81
CA ASP A 14 13.25 -28.77 7.15
C ASP A 14 13.54 -27.75 6.03
N LEU A 15 12.84 -27.89 4.90
CA LEU A 15 12.97 -26.96 3.79
C LEU A 15 11.80 -25.99 3.81
N VAL A 16 12.11 -24.70 3.63
CA VAL A 16 11.13 -23.63 3.76
C VAL A 16 11.37 -22.50 2.75
N PHE A 17 10.38 -21.62 2.64
CA PHE A 17 10.58 -20.27 2.18
C PHE A 17 10.69 -19.41 3.42
N ALA A 18 11.71 -18.57 3.46
CA ALA A 18 11.93 -17.67 4.60
C ALA A 18 11.78 -16.23 4.13
N LYS A 19 11.08 -15.42 4.92
CA LYS A 19 10.80 -14.03 4.52
C LYS A 19 11.52 -13.02 5.39
N MET A 20 12.34 -12.17 4.78
CA MET A 20 12.91 -11.02 5.48
C MET A 20 12.53 -9.74 4.76
N LYS A 21 12.55 -8.64 5.51
CA LYS A 21 12.08 -7.36 4.98
C LYS A 21 12.89 -6.91 3.78
N GLY A 22 12.20 -6.49 2.73
CA GLY A 22 12.89 -6.01 1.54
C GLY A 22 13.23 -7.11 0.56
N TYR A 23 12.92 -8.35 0.92
CA TYR A 23 13.25 -9.50 0.08
C TYR A 23 12.02 -10.33 -0.23
N PRO A 24 11.99 -10.95 -1.43
CA PRO A 24 10.91 -11.90 -1.69
C PRO A 24 11.06 -13.12 -0.79
N HIS A 25 9.99 -13.86 -0.58
CA HIS A 25 10.07 -15.12 0.16
C HIS A 25 11.12 -16.02 -0.49
N TRP A 26 12.06 -16.55 0.31
CA TRP A 26 13.32 -17.06 -0.22
C TRP A 26 13.53 -18.53 0.16
N PRO A 27 13.87 -19.38 -0.82
CA PRO A 27 14.10 -20.81 -0.55
C PRO A 27 15.21 -20.97 0.47
N ALA A 28 14.97 -21.79 1.49
CA ALA A 28 15.85 -21.79 2.65
C ALA A 28 15.72 -23.09 3.42
N ARG A 29 16.57 -23.27 4.43
CA ARG A 29 16.60 -24.48 5.24
C ARG A 29 16.77 -24.16 6.72
N ILE A 30 16.14 -24.93 7.60
CA ILE A 30 16.41 -24.87 9.04
C ILE A 30 17.69 -25.62 9.37
N ASP A 31 18.72 -24.90 9.84
CA ASP A 31 19.96 -25.55 10.28
C ASP A 31 19.79 -26.08 11.72
N GLU A 32 20.77 -26.80 12.23
CA GLU A 32 20.63 -27.25 13.62
C GLU A 32 21.31 -26.25 14.54
N LEU A 33 20.84 -26.17 15.78
CA LEU A 33 21.49 -25.37 16.82
C LEU A 33 22.36 -26.30 17.66
N PRO A 34 23.69 -26.25 17.48
CA PRO A 34 24.57 -27.14 18.24
C PRO A 34 24.55 -26.83 19.74
N GLU A 35 24.32 -27.86 20.55
CA GLU A 35 24.55 -27.76 21.98
C GLU A 35 26.01 -27.38 22.16
N GLY A 36 26.33 -26.68 23.24
CA GLY A 36 27.69 -26.25 23.46
C GLY A 36 27.98 -25.01 22.66
N ALA A 37 26.95 -24.20 22.50
CA ALA A 37 27.06 -22.92 21.81
C ALA A 37 26.27 -21.87 22.58
N VAL A 38 26.46 -20.61 22.21
CA VAL A 38 25.63 -19.53 22.71
C VAL A 38 24.18 -19.79 22.28
N LYS A 39 23.27 -19.68 23.22
CA LYS A 39 21.86 -19.96 22.96
C LYS A 39 21.21 -18.82 22.20
N PRO A 40 20.42 -19.16 21.17
CA PRO A 40 19.71 -18.20 20.32
C PRO A 40 18.53 -17.61 21.08
N PRO A 41 17.90 -16.56 20.55
CA PRO A 41 16.71 -16.07 21.23
C PRO A 41 15.59 -17.09 21.13
N ALA A 42 14.64 -17.05 22.06
CA ALA A 42 13.58 -18.05 22.09
C ALA A 42 12.79 -18.07 20.78
N ASN A 43 12.37 -19.27 20.37
CA ASN A 43 11.53 -19.48 19.18
C ASN A 43 12.06 -18.87 17.90
N LYS A 44 13.38 -18.73 17.82
CA LYS A 44 13.99 -18.31 16.57
C LYS A 44 14.88 -19.42 16.10
N TYR A 45 14.95 -19.59 14.78
CA TYR A 45 15.65 -20.71 14.17
C TYR A 45 16.78 -20.24 13.27
N PRO A 46 17.89 -20.98 13.28
CA PRO A 46 19.01 -20.65 12.40
C PRO A 46 18.64 -21.02 10.99
N ILE A 47 18.63 -20.02 10.12
CA ILE A 47 18.20 -20.22 8.73
C ILE A 47 19.39 -20.20 7.78
N PHE A 48 19.39 -21.09 6.79
CA PHE A 48 20.36 -21.09 5.69
C PHE A 48 19.63 -20.76 4.40
N PHE A 49 20.05 -19.68 3.74
CA PHE A 49 19.37 -19.24 2.50
C PHE A 49 20.06 -19.86 1.29
N PHE A 50 19.29 -20.55 0.46
CA PHE A 50 19.89 -21.15 -0.71
C PHE A 50 20.21 -20.03 -1.71
N GLY A 51 21.14 -20.33 -2.60
CA GLY A 51 21.59 -19.38 -3.60
C GLY A 51 22.70 -18.46 -3.11
N THR A 52 22.47 -17.77 -2.00
CA THR A 52 23.47 -16.84 -1.47
C THR A 52 24.28 -17.49 -0.34
N HIS A 53 23.73 -18.56 0.24
CA HIS A 53 24.31 -19.25 1.40
C HIS A 53 24.47 -18.34 2.61
N GLU A 54 23.66 -17.29 2.66
CA GLU A 54 23.64 -16.45 3.86
C GLU A 54 22.88 -17.14 4.99
N THR A 55 23.00 -16.60 6.20
CA THR A 55 22.30 -17.15 7.36
C THR A 55 21.60 -16.04 8.13
N ALA A 56 20.60 -16.41 8.89
CA ALA A 56 19.96 -15.51 9.85
C ALA A 56 19.13 -16.34 10.80
N PHE A 57 18.60 -15.68 11.83
CA PHE A 57 17.67 -16.31 12.74
C PHE A 57 16.31 -15.69 12.49
N LEU A 58 15.30 -16.55 12.36
CA LEU A 58 13.93 -16.15 12.07
C LEU A 58 12.95 -17.00 12.86
N GLY A 59 11.81 -16.41 13.22
CA GLY A 59 10.75 -17.14 13.88
C GLY A 59 9.75 -17.69 12.87
N PRO A 60 8.90 -18.65 13.30
CA PRO A 60 7.95 -19.37 12.45
C PRO A 60 6.95 -18.45 11.73
N LYS A 61 6.83 -17.22 12.19
CA LYS A 61 5.95 -16.24 11.55
C LYS A 61 6.53 -15.86 10.20
N ASP A 62 7.82 -16.09 10.00
CA ASP A 62 8.45 -15.73 8.73
C ASP A 62 8.83 -16.96 7.92
N LEU A 63 8.33 -18.13 8.33
CA LEU A 63 8.72 -19.38 7.69
C LEU A 63 7.54 -20.09 7.06
N PHE A 64 7.77 -20.64 5.86
CA PHE A 64 6.72 -21.26 5.07
C PHE A 64 7.22 -22.59 4.51
N PRO A 65 6.61 -23.71 4.95
CA PRO A 65 6.99 -25.07 4.51
C PRO A 65 7.07 -25.16 2.99
N TYR A 66 8.19 -25.66 2.49
CA TYR A 66 8.55 -25.52 1.07
C TYR A 66 7.55 -26.14 0.10
N LYS A 67 7.11 -27.36 0.35
CA LYS A 67 6.26 -28.04 -0.61
C LYS A 67 4.87 -27.37 -0.68
N GLU A 68 4.29 -27.05 0.49
CA GLU A 68 2.98 -26.40 0.52
C GLU A 68 2.95 -25.01 -0.12
N TYR A 69 4.09 -24.30 -0.11
CA TYR A 69 4.10 -22.94 -0.62
C TYR A 69 4.93 -22.77 -1.90
N LYS A 70 5.46 -23.88 -2.44
CA LYS A 70 6.24 -23.81 -3.67
C LYS A 70 5.49 -23.16 -4.83
N ASP A 71 4.23 -23.49 -5.01
CA ASP A 71 3.48 -22.97 -6.14
C ASP A 71 3.24 -21.49 -6.02
N LYS A 72 3.24 -20.97 -4.80
CA LYS A 72 3.00 -19.55 -4.60
C LYS A 72 4.31 -18.73 -4.61
N PHE A 73 5.37 -19.25 -4.00
CA PHE A 73 6.58 -18.44 -3.81
C PHE A 73 7.75 -18.84 -4.71
N GLY A 74 7.61 -19.95 -5.43
CA GLY A 74 8.71 -20.52 -6.18
C GLY A 74 8.83 -20.05 -7.61
N LYS A 75 8.35 -18.85 -7.89
CA LYS A 75 8.42 -18.28 -9.23
C LYS A 75 9.75 -17.55 -9.40
N SER A 76 10.24 -17.50 -10.63
CA SER A 76 11.55 -16.94 -10.90
C SER A 76 11.60 -15.47 -10.55
N ASN A 77 12.78 -15.00 -10.17
CA ASN A 77 12.94 -13.65 -9.64
C ASN A 77 14.36 -13.22 -9.98
N LYS A 78 14.55 -11.96 -10.34
CA LYS A 78 15.86 -11.44 -10.74
C LYS A 78 16.83 -11.14 -9.58
N ARG A 79 16.36 -11.12 -8.34
CA ARG A 79 17.25 -10.83 -7.20
C ARG A 79 18.45 -11.80 -7.18
N LYS A 80 19.65 -11.25 -6.97
CA LYS A 80 20.89 -12.04 -6.98
C LYS A 80 20.81 -13.30 -6.14
N GLY A 81 21.06 -14.44 -6.76
CA GLY A 81 21.07 -15.68 -6.01
C GLY A 81 19.73 -16.38 -5.91
N PHE A 82 18.63 -15.68 -6.20
CA PHE A 82 17.32 -16.31 -6.04
C PHE A 82 17.10 -17.54 -6.92
N ASN A 83 17.31 -17.38 -8.23
CA ASN A 83 17.11 -18.52 -9.15
C ASN A 83 18.12 -19.65 -8.90
N GLU A 84 19.31 -19.30 -8.45
CA GLU A 84 20.26 -20.34 -8.02
C GLU A 84 19.68 -21.07 -6.81
N GLY A 85 19.14 -20.30 -5.87
CA GLY A 85 18.48 -20.86 -4.71
C GLY A 85 17.34 -21.82 -5.05
N LEU A 86 16.53 -21.50 -6.05
CA LEU A 86 15.45 -22.40 -6.47
C LEU A 86 16.02 -23.75 -6.94
N TRP A 87 17.17 -23.68 -7.59
CA TRP A 87 17.85 -24.89 -8.06
C TRP A 87 18.36 -25.74 -6.89
N GLU A 88 19.03 -25.10 -5.93
CA GLU A 88 19.60 -25.82 -4.79
C GLU A 88 18.55 -26.46 -3.88
N ILE A 89 17.43 -25.78 -3.66
CA ILE A 89 16.45 -26.35 -2.75
C ILE A 89 15.86 -27.63 -3.36
N GLU A 90 15.93 -27.74 -4.68
CA GLU A 90 15.48 -28.94 -5.36
C GLU A 90 16.58 -29.99 -5.55
N ASN A 91 17.79 -29.54 -5.89
CA ASN A 91 18.84 -30.44 -6.36
C ASN A 91 19.97 -30.67 -5.37
N ASN A 92 20.18 -29.73 -4.44
CA ASN A 92 21.26 -29.88 -3.48
C ASN A 92 20.89 -29.30 -2.10
N PRO A 93 19.76 -29.74 -1.53
CA PRO A 93 19.25 -29.05 -0.34
C PRO A 93 20.12 -29.29 0.88
N GLY A 94 21.01 -30.27 0.80
CA GLY A 94 21.94 -30.53 1.89
C GLY A 94 23.28 -29.82 1.82
N VAL A 95 23.43 -28.89 0.87
CA VAL A 95 24.72 -28.18 0.75
C VAL A 95 25.05 -27.48 2.07
N LYS A 96 26.28 -27.70 2.55
CA LYS A 96 26.79 -27.16 3.83
C LYS A 96 25.94 -27.50 5.07
N PHE A 97 25.08 -28.51 4.96
CA PHE A 97 24.27 -28.92 6.09
C PHE A 97 25.05 -29.82 7.05
N THR A 98 25.03 -29.50 8.34
CA THR A 98 25.79 -30.24 9.33
C THR A 98 24.91 -30.99 10.33
N GLY A 99 23.59 -30.81 10.24
CA GLY A 99 22.65 -31.37 11.20
C GLY A 99 22.64 -32.90 11.24
N TYR A 100 22.75 -33.50 10.06
CA TYR A 100 22.86 -34.95 9.90
C TYR A 100 23.29 -35.25 8.46
N SER B 1 -23.50 18.62 22.22
CA SER B 1 -23.00 19.77 21.48
C SER B 1 -23.81 20.06 20.23
N MET B 2 -24.36 21.28 20.20
CA MET B 2 -24.89 21.90 19.00
C MET B 2 -23.83 21.90 17.86
N ALA B 3 -24.27 21.62 16.63
CA ALA B 3 -23.35 21.52 15.48
C ALA B 3 -23.89 22.21 14.21
N ARG B 4 -23.18 23.20 13.69
CA ARG B 4 -23.68 23.91 12.53
C ARG B 4 -23.66 23.02 11.30
N PRO B 5 -24.80 22.92 10.59
CA PRO B 5 -24.79 22.06 9.39
C PRO B 5 -23.92 22.63 8.27
N ARG B 6 -23.47 21.78 7.34
CA ARG B 6 -22.83 22.23 6.11
C ARG B 6 -23.91 22.73 5.14
N PRO B 7 -23.51 23.49 4.11
CA PRO B 7 -24.53 24.03 3.19
C PRO B 7 -25.34 22.97 2.46
N ARG B 8 -26.58 23.29 2.15
CA ARG B 8 -27.40 22.41 1.29
C ARG B 8 -27.44 22.97 -0.13
N GLU B 9 -26.93 24.19 -0.31
CA GLU B 9 -26.84 24.80 -1.64
C GLU B 9 -25.52 25.54 -1.84
N TYR B 10 -24.98 25.45 -3.05
CA TYR B 10 -23.73 26.13 -3.35
C TYR B 10 -23.94 27.00 -4.58
N LYS B 11 -23.06 27.98 -4.78
CA LYS B 11 -23.06 28.84 -5.97
C LYS B 11 -21.74 28.67 -6.75
N ALA B 12 -21.79 28.93 -8.05
CA ALA B 12 -20.59 28.90 -8.90
C ALA B 12 -19.50 29.76 -8.27
N GLY B 13 -18.30 29.19 -8.15
CA GLY B 13 -17.14 29.91 -7.65
C GLY B 13 -16.77 29.56 -6.22
N ASP B 14 -17.66 28.88 -5.50
CA ASP B 14 -17.38 28.45 -4.13
C ASP B 14 -16.25 27.41 -4.07
N LEU B 15 -15.32 27.59 -3.13
CA LEU B 15 -14.20 26.67 -2.96
C LEU B 15 -14.50 25.67 -1.83
N VAL B 16 -14.22 24.40 -2.09
CA VAL B 16 -14.62 23.32 -1.21
C VAL B 16 -13.56 22.23 -1.16
N PHE B 17 -13.71 21.32 -0.20
CA PHE B 17 -13.15 19.99 -0.30
C PHE B 17 -14.27 19.09 -0.76
N ALA B 18 -14.00 18.30 -1.80
CA ALA B 18 -15.01 17.41 -2.37
C ALA B 18 -14.61 15.96 -2.12
N LYS B 19 -15.56 15.15 -1.65
CA LYS B 19 -15.28 13.76 -1.30
C LYS B 19 -15.86 12.77 -2.29
N MET B 20 -14.99 11.94 -2.83
CA MET B 20 -15.42 10.85 -3.68
C MET B 20 -14.84 9.58 -3.11
N LYS B 21 -15.60 8.50 -3.24
CA LYS B 21 -15.19 7.20 -2.69
C LYS B 21 -13.83 6.79 -3.19
N GLY B 22 -12.95 6.42 -2.26
CA GLY B 22 -11.62 5.94 -2.61
C GLY B 22 -10.57 7.04 -2.68
N TYR B 23 -11.00 8.28 -2.48
CA TYR B 23 -10.09 9.41 -2.54
C TYR B 23 -10.18 10.20 -1.24
N PRO B 24 -9.09 10.88 -0.87
CA PRO B 24 -9.17 11.78 0.28
C PRO B 24 -10.03 13.01 -0.07
N HIS B 25 -10.57 13.70 0.93
CA HIS B 25 -11.21 14.98 0.66
C HIS B 25 -10.28 15.88 -0.15
N TRP B 26 -10.79 16.39 -1.27
CA TRP B 26 -9.96 16.93 -2.34
C TRP B 26 -10.31 18.40 -2.62
N PRO B 27 -9.29 19.29 -2.66
CA PRO B 27 -9.52 20.72 -2.95
C PRO B 27 -10.25 20.89 -4.26
N ALA B 28 -11.34 21.65 -4.27
CA ALA B 28 -12.20 21.72 -5.43
C ALA B 28 -13.00 23.00 -5.50
N ARG B 29 -13.74 23.17 -6.59
CA ARG B 29 -14.51 24.40 -6.80
C ARG B 29 -15.85 24.07 -7.44
N ILE B 30 -16.91 24.73 -7.00
CA ILE B 30 -18.21 24.60 -7.64
C ILE B 30 -18.18 25.35 -8.98
N ASP B 31 -18.34 24.64 -10.08
CA ASP B 31 -18.33 25.27 -11.41
C ASP B 31 -19.69 25.87 -11.79
N GLU B 32 -19.69 26.49 -12.97
CA GLU B 32 -20.88 26.97 -13.66
C GLU B 32 -21.77 25.85 -14.20
N LEU B 33 -23.08 25.94 -14.00
CA LEU B 33 -24.01 25.11 -14.76
C LEU B 33 -24.69 25.97 -15.82
N PRO B 34 -24.17 25.96 -17.06
CA PRO B 34 -24.67 26.82 -18.14
C PRO B 34 -26.13 26.54 -18.46
N GLU B 35 -26.96 27.57 -18.52
CA GLU B 35 -28.29 27.42 -19.07
C GLU B 35 -28.13 27.19 -20.55
N GLY B 36 -28.92 26.30 -21.14
CA GLY B 36 -28.74 25.93 -22.52
C GLY B 36 -27.90 24.67 -22.59
N ALA B 37 -27.84 23.97 -21.47
CA ALA B 37 -27.23 22.65 -21.42
C ALA B 37 -28.26 21.62 -20.97
N VAL B 38 -27.89 20.36 -21.13
CA VAL B 38 -28.62 19.27 -20.51
C VAL B 38 -28.64 19.51 -19.01
N LYS B 39 -29.82 19.41 -18.41
CA LYS B 39 -29.97 19.67 -16.99
C LYS B 39 -29.34 18.55 -16.18
N PRO B 40 -28.63 18.92 -15.10
CA PRO B 40 -27.93 17.98 -14.21
C PRO B 40 -28.89 17.16 -13.36
N PRO B 41 -28.40 16.11 -12.72
CA PRO B 41 -29.25 15.44 -11.73
C PRO B 41 -29.63 16.46 -10.66
N ALA B 42 -30.81 16.32 -10.06
CA ALA B 42 -31.22 17.30 -9.07
C ALA B 42 -30.25 17.34 -7.87
N ASN B 43 -30.11 18.52 -7.29
CA ASN B 43 -29.26 18.78 -6.14
C ASN B 43 -27.84 18.23 -6.27
N LYS B 44 -27.33 18.20 -7.50
CA LYS B 44 -25.93 17.88 -7.70
C LYS B 44 -25.26 19.06 -8.40
N TYR B 45 -23.98 19.24 -8.11
CA TYR B 45 -23.24 20.41 -8.58
C TYR B 45 -22.07 19.97 -9.42
N PRO B 46 -21.78 20.74 -10.48
CA PRO B 46 -20.58 20.46 -11.29
C PRO B 46 -19.36 20.85 -10.49
N ILE B 47 -18.46 19.90 -10.30
CA ILE B 47 -17.28 20.10 -9.48
C ILE B 47 -15.99 20.10 -10.29
N PHE B 48 -15.08 21.03 -9.99
CA PHE B 48 -13.76 21.11 -10.65
C PHE B 48 -12.72 20.74 -9.59
N PHE B 49 -11.97 19.67 -9.82
CA PHE B 49 -10.94 19.26 -8.85
C PHE B 49 -9.61 19.93 -9.18
N PHE B 50 -9.10 20.70 -8.22
CA PHE B 50 -7.79 21.31 -8.44
C PHE B 50 -6.69 20.23 -8.46
N GLY B 51 -5.61 20.51 -9.18
CA GLY B 51 -4.48 19.59 -9.26
C GLY B 51 -4.56 18.64 -10.44
N THR B 52 -5.72 18.00 -10.61
CA THR B 52 -5.92 17.06 -11.73
C THR B 52 -6.78 17.68 -12.81
N HIS B 53 -7.56 18.70 -12.41
CA HIS B 53 -8.51 19.39 -13.30
C HIS B 53 -9.59 18.44 -13.81
N GLU B 54 -9.82 17.36 -13.08
CA GLU B 54 -10.96 16.50 -13.35
C GLU B 54 -12.26 17.17 -12.96
N THR B 55 -13.37 16.60 -13.43
CA THR B 55 -14.69 17.12 -13.09
C THR B 55 -15.63 16.00 -12.67
N ALA B 56 -16.71 16.36 -11.99
CA ALA B 56 -17.78 15.43 -11.64
C ALA B 56 -18.95 16.19 -11.07
N PHE B 57 -20.03 15.48 -10.81
CA PHE B 57 -21.20 16.05 -10.16
C PHE B 57 -21.35 15.39 -8.82
N LEU B 58 -21.53 16.22 -7.79
CA LEU B 58 -21.61 15.76 -6.41
C LEU B 58 -22.68 16.58 -5.70
N GLY B 59 -23.34 15.98 -4.72
CA GLY B 59 -24.29 16.69 -3.89
C GLY B 59 -23.62 17.20 -2.62
N PRO B 60 -24.28 18.14 -1.93
CA PRO B 60 -23.79 18.83 -0.74
C PRO B 60 -23.29 17.90 0.38
N LYS B 61 -23.78 16.67 0.43
CA LYS B 61 -23.34 15.75 1.48
C LYS B 61 -21.87 15.42 1.31
N ASP B 62 -21.34 15.60 0.10
CA ASP B 62 -19.94 15.31 -0.17
C ASP B 62 -19.09 16.55 -0.34
N LEU B 63 -19.63 17.71 0.03
CA LEU B 63 -18.90 18.97 -0.13
C LEU B 63 -18.66 19.64 1.21
N PHE B 64 -17.48 20.22 1.34
CA PHE B 64 -17.08 20.85 2.60
C PHE B 64 -16.44 22.20 2.32
N PRO B 65 -17.05 23.29 2.82
CA PRO B 65 -16.50 24.64 2.61
C PRO B 65 -15.03 24.74 2.93
N TYR B 66 -14.25 25.25 1.98
CA TYR B 66 -12.78 25.18 2.06
C TYR B 66 -12.23 25.79 3.33
N LYS B 67 -12.56 27.05 3.57
CA LYS B 67 -12.00 27.81 4.69
C LYS B 67 -12.30 27.14 6.04
N GLU B 68 -13.53 26.68 6.21
CA GLU B 68 -13.98 26.05 7.45
C GLU B 68 -13.29 24.69 7.71
N TYR B 69 -12.86 24.02 6.64
CA TYR B 69 -12.35 22.66 6.80
C TYR B 69 -10.92 22.49 6.36
N LYS B 70 -10.27 23.60 6.03
CA LYS B 70 -8.87 23.59 5.62
C LYS B 70 -7.94 22.96 6.66
N ASP B 71 -8.29 23.10 7.93
CA ASP B 71 -7.41 22.62 8.99
C ASP B 71 -7.39 21.11 8.99
N LYS B 72 -8.56 20.50 8.87
CA LYS B 72 -8.65 19.05 8.90
C LYS B 72 -8.17 18.42 7.58
N PHE B 73 -8.65 18.92 6.45
CA PHE B 73 -8.44 18.24 5.17
C PHE B 73 -7.26 18.76 4.34
N GLY B 74 -6.67 19.87 4.75
CA GLY B 74 -5.63 20.52 3.95
C GLY B 74 -4.21 20.07 4.25
N LYS B 75 -4.06 18.85 4.74
CA LYS B 75 -2.74 18.30 5.02
C LYS B 75 -2.18 17.61 3.78
N SER B 76 -0.87 17.54 3.70
CA SER B 76 -0.22 16.95 2.54
C SER B 76 -0.56 15.47 2.34
N ASN B 77 -0.63 15.06 1.09
CA ASN B 77 -1.06 13.72 0.73
C ASN B 77 -0.29 13.32 -0.53
N LYS B 78 0.08 12.05 -0.67
CA LYS B 78 0.90 11.66 -1.82
C LYS B 78 0.09 11.34 -3.08
N ARG B 79 -1.24 11.28 -2.96
CA ARG B 79 -2.08 11.00 -4.13
C ARG B 79 -1.77 11.99 -5.26
N LYS B 80 -1.64 11.46 -6.47
CA LYS B 80 -1.30 12.27 -7.63
C LYS B 80 -2.18 13.52 -7.78
N GLY B 81 -1.54 14.66 -7.96
CA GLY B 81 -2.24 15.92 -8.14
C GLY B 81 -2.70 16.59 -6.84
N PHE B 82 -2.59 15.89 -5.70
CA PHE B 82 -3.14 16.45 -4.47
C PHE B 82 -2.48 17.74 -4.00
N ASN B 83 -1.17 17.69 -3.80
CA ASN B 83 -0.44 18.85 -3.32
C ASN B 83 -0.42 19.98 -4.33
N GLU B 84 -0.48 19.63 -5.62
CA GLU B 84 -0.61 20.68 -6.63
C GLU B 84 -2.00 21.31 -6.49
N GLY B 85 -2.97 20.49 -6.12
CA GLY B 85 -4.32 20.97 -5.84
C GLY B 85 -4.40 21.91 -4.67
N LEU B 86 -3.71 21.58 -3.56
CA LEU B 86 -3.59 22.48 -2.42
C LEU B 86 -3.01 23.84 -2.84
N TRP B 87 -2.04 23.80 -3.74
CA TRP B 87 -1.43 25.01 -4.25
C TRP B 87 -2.43 25.83 -5.06
N GLU B 88 -3.13 25.17 -5.98
CA GLU B 88 -4.06 25.89 -6.86
C GLU B 88 -5.22 26.54 -6.09
N ILE B 89 -5.75 25.86 -5.08
CA ILE B 89 -6.92 26.39 -4.40
C ILE B 89 -6.58 27.67 -3.65
N GLU B 90 -5.31 27.82 -3.28
CA GLU B 90 -4.84 29.06 -2.67
C GLU B 90 -4.45 30.10 -3.70
N ASN B 91 -3.62 29.70 -4.65
CA ASN B 91 -2.91 30.64 -5.49
C ASN B 91 -3.57 30.92 -6.86
N ASN B 92 -4.33 29.96 -7.38
CA ASN B 92 -5.00 30.15 -8.68
C ASN B 92 -6.37 29.48 -8.72
N PRO B 93 -7.28 29.88 -7.79
CA PRO B 93 -8.56 29.18 -7.62
C PRO B 93 -9.50 29.37 -8.80
N GLY B 94 -9.23 30.36 -9.64
CA GLY B 94 -10.02 30.56 -10.84
C GLY B 94 -9.53 29.85 -12.11
N VAL B 95 -8.61 28.90 -12.00
CA VAL B 95 -8.09 28.27 -13.23
C VAL B 95 -9.24 27.57 -13.99
N LYS B 96 -9.37 27.89 -15.27
CA LYS B 96 -10.39 27.29 -16.14
C LYS B 96 -11.83 27.58 -15.69
N PHE B 97 -12.00 28.57 -14.83
CA PHE B 97 -13.33 28.92 -14.32
C PHE B 97 -14.07 29.86 -15.26
N THR B 98 -15.25 29.44 -15.74
CA THR B 98 -16.00 30.21 -16.74
C THR B 98 -17.22 30.92 -16.14
N GLY B 99 -17.40 30.81 -14.83
CA GLY B 99 -18.58 31.35 -14.17
C GLY B 99 -18.66 32.87 -14.21
N TYR B 100 -17.52 33.52 -14.00
CA TYR B 100 -17.39 34.97 -13.98
C TYR B 100 -15.91 35.33 -13.92
N GLY E 1 27.87 -15.82 2.48
CA GLY E 1 28.09 -16.86 3.48
C GLY E 1 27.87 -16.39 4.90
N GLY E 2 27.39 -15.15 5.05
CA GLY E 2 27.26 -14.52 6.36
C GLY E 2 25.85 -14.11 6.75
N VAL E 3 25.73 -13.41 7.88
CA VAL E 3 24.43 -13.02 8.42
C VAL E 3 23.71 -11.99 7.55
N LYS E 5 21.16 -9.17 6.89
CA LYS E 5 20.61 -8.06 7.66
C LYS E 5 21.19 -8.04 9.08
N GLY F 1 -8.10 16.03 -16.94
CA GLY F 1 -9.12 16.89 -17.52
C GLY F 1 -10.47 16.20 -17.68
N GLY F 2 -10.53 14.91 -17.38
CA GLY F 2 -11.75 14.13 -17.61
C GLY F 2 -12.70 14.03 -16.42
N VAL F 3 -13.78 13.26 -16.60
CA VAL F 3 -14.72 13.03 -15.52
C VAL F 3 -14.13 12.05 -14.51
N LYS F 5 -14.39 9.11 -12.28
CA LYS F 5 -15.20 7.91 -12.11
C LYS F 5 -16.55 8.02 -12.83
#